data_6KSC
#
_entry.id   6KSC
#
_cell.length_a   95.290
_cell.length_b   95.290
_cell.length_c   201.879
_cell.angle_alpha   90.000
_cell.angle_beta   90.000
_cell.angle_gamma   120.000
#
_symmetry.space_group_name_H-M   'P 61 2 2'
#
loop_
_entity.id
_entity.type
_entity.pdbx_description
1 polymer 'DNA ligase A'
2 non-polymer 'ADENOSINE MONOPHOSPHATE'
3 non-polymer 'SULFATE ION'
4 water water
#
_entity_poly.entity_id   1
_entity_poly.type   'polypeptide(L)'
_entity_poly.pdbx_seq_one_letter_code
;QTAPEVLRQWQALAEEVREHQFRYYVRDAPIISDAEFDELLRRLEALEEQHPELRTPDSPTQLVGGAGFATDFEPVDHLE
RMLSLDNAFTADELAAWAGRIHAEVGDAAHYLCELRIDGVALSLVYREGRLTRASTRGDGRTGEDVTLNARTIADVPERL
TPGDDYPVPEVLEVRGEVFFRLDDFQALNASLVEEGKAPFANPRNSAAGSLRQKDPAVTARRRLRMICHGLGHVEGFRPA
TLHQAYLALRAWGLPVSEHTTLATDLAGVRERIDYWGEHRHEVDHEIDGVVVKVDEVALQRRLGSTSRAPRWAIAYKYPP
EHHHHHH
;
_entity_poly.pdbx_strand_id   A
#
loop_
_chem_comp.id
_chem_comp.type
_chem_comp.name
_chem_comp.formula
AMP non-polymer 'ADENOSINE MONOPHOSPHATE' 'C10 H14 N5 O7 P'
SO4 non-polymer 'SULFATE ION' 'O4 S -2'
#
# COMPACT_ATOMS: atom_id res chain seq x y z
N GLN A 1 14.11 36.58 -10.61
CA GLN A 1 13.16 37.60 -10.18
C GLN A 1 12.00 37.69 -11.17
N THR A 2 11.78 36.59 -11.90
CA THR A 2 10.77 36.51 -12.96
C THR A 2 9.81 35.36 -12.72
N ALA A 3 8.72 35.32 -13.49
CA ALA A 3 7.70 34.28 -13.32
C ALA A 3 8.22 32.85 -13.26
N PRO A 4 9.16 32.46 -14.15
CA PRO A 4 9.65 31.09 -14.06
C PRO A 4 10.25 30.73 -12.70
N GLU A 5 11.15 31.54 -12.16
CA GLU A 5 11.75 31.22 -10.88
C GLU A 5 10.75 31.42 -9.76
N VAL A 6 9.90 32.43 -9.90
CA VAL A 6 8.91 32.74 -8.88
C VAL A 6 7.99 31.55 -8.63
N LEU A 7 7.45 30.98 -9.70
CA LEU A 7 6.56 29.85 -9.57
C LEU A 7 7.31 28.67 -8.97
N ARG A 8 8.52 28.43 -9.45
CA ARG A 8 9.33 27.32 -8.98
C ARG A 8 9.61 27.39 -7.48
N GLN A 9 10.09 28.55 -7.02
CA GLN A 9 10.44 28.72 -5.62
C GLN A 9 9.30 28.40 -4.68
N TRP A 10 8.17 29.03 -4.97
CA TRP A 10 6.91 28.93 -4.25
C TRP A 10 6.37 27.51 -4.17
N GLN A 11 6.27 26.85 -5.32
CA GLN A 11 5.76 25.48 -5.35
C GLN A 11 6.65 24.58 -4.53
N ALA A 12 7.95 24.70 -4.72
CA ALA A 12 8.89 23.88 -3.96
C ALA A 12 8.71 24.17 -2.49
N LEU A 13 8.61 25.45 -2.14
CA LEU A 13 8.46 25.85 -0.75
C LEU A 13 7.12 25.44 -0.17
N ALA A 14 6.05 25.59 -0.94
CA ALA A 14 4.73 25.22 -0.47
C ALA A 14 4.70 23.76 -0.09
N GLU A 15 5.15 22.92 -1.01
CA GLU A 15 5.18 21.48 -0.81
C GLU A 15 6.01 21.12 0.42
N GLU A 16 7.13 21.79 0.57
CA GLU A 16 8.00 21.54 1.71
C GLU A 16 7.25 21.92 2.99
N VAL A 17 6.62 23.09 2.97
CA VAL A 17 5.89 23.62 4.10
C VAL A 17 4.62 22.82 4.42
N ARG A 18 3.86 22.47 3.38
CA ARG A 18 2.61 21.77 3.57
C ARG A 18 2.86 20.42 4.20
N GLU A 19 3.96 19.82 3.80
CA GLU A 19 4.33 18.51 4.30
C GLU A 19 4.70 18.57 5.77
N HIS A 20 5.39 19.63 6.16
CA HIS A 20 5.79 19.81 7.56
C HIS A 20 4.56 20.15 8.41
N GLN A 21 3.55 20.73 7.77
CA GLN A 21 2.30 21.05 8.43
C GLN A 21 1.67 19.69 8.66
N PHE A 22 1.55 18.92 7.60
CA PHE A 22 0.96 17.59 7.70
C PHE A 22 1.74 16.68 8.63
N ARG A 23 3.05 16.86 8.76
CA ARG A 23 3.77 15.95 9.63
C ARG A 23 3.66 16.38 11.10
N TYR A 24 3.21 17.61 11.35
CA TYR A 24 3.03 18.12 12.70
C TYR A 24 1.61 18.03 13.24
N TYR A 25 0.62 18.54 12.50
CA TYR A 25 -0.80 18.49 12.89
C TYR A 25 -1.30 17.04 12.80
N VAL A 26 -1.14 16.44 11.60
CA VAL A 26 -1.43 15.00 11.32
C VAL A 26 -0.17 14.19 11.74
N ARG A 27 -0.17 12.88 11.98
CA ARG A 27 1.10 12.13 12.44
C ARG A 27 1.64 12.35 13.93
N ASP A 28 1.79 13.59 14.41
CA ASP A 28 2.45 14.01 15.65
C ASP A 28 3.90 13.57 15.61
N ALA A 29 4.51 13.66 14.43
CA ALA A 29 5.90 13.25 14.27
C ALA A 29 6.66 14.08 13.23
N PRO A 30 7.01 15.32 13.59
CA PRO A 30 7.70 16.20 12.62
C PRO A 30 9.19 15.89 12.47
N ILE A 31 9.72 15.88 11.26
CA ILE A 31 11.14 15.58 11.06
C ILE A 31 12.07 16.77 11.25
N ILE A 32 11.52 17.97 11.30
CA ILE A 32 12.37 19.15 11.51
C ILE A 32 11.91 19.88 12.75
N SER A 33 12.82 20.61 13.37
CA SER A 33 12.49 21.33 14.57
C SER A 33 11.58 22.52 14.26
N ASP A 34 10.80 22.92 15.26
CA ASP A 34 9.90 24.03 15.15
C ASP A 34 10.72 25.27 14.84
N ALA A 35 11.96 25.32 15.28
CA ALA A 35 12.81 26.45 14.96
C ALA A 35 12.95 26.57 13.43
N GLU A 36 13.30 25.47 12.81
CA GLU A 36 13.46 25.42 11.36
C GLU A 36 12.15 25.67 10.63
N PHE A 37 11.12 24.90 10.98
CA PHE A 37 9.82 24.99 10.31
C PHE A 37 9.33 26.40 10.25
N ASP A 38 9.55 27.16 11.31
CA ASP A 38 9.12 28.55 11.34
C ASP A 38 9.86 29.41 10.31
N GLU A 39 11.12 29.10 10.03
CA GLU A 39 11.86 29.83 9.02
C GLU A 39 11.21 29.63 7.65
N LEU A 40 10.99 28.37 7.28
CA LEU A 40 10.37 28.01 5.99
C LEU A 40 9.10 28.81 5.71
N LEU A 41 8.19 28.82 6.67
CA LEU A 41 6.95 29.55 6.57
C LEU A 41 7.20 31.03 6.31
N ARG A 42 8.17 31.58 7.02
CA ARG A 42 8.53 32.98 6.87
C ARG A 42 8.87 33.27 5.41
N ARG A 43 9.72 32.42 4.83
CA ARG A 43 10.15 32.53 3.45
C ARG A 43 8.94 32.53 2.54
N LEU A 44 8.05 31.55 2.74
CA LEU A 44 6.86 31.45 1.92
C LEU A 44 6.01 32.69 2.10
N GLU A 45 5.96 33.20 3.32
CA GLU A 45 5.18 34.39 3.58
C GLU A 45 5.81 35.57 2.84
N ALA A 46 7.14 35.63 2.89
CA ALA A 46 7.90 36.69 2.24
C ALA A 46 7.60 36.73 0.76
N LEU A 47 7.75 35.58 0.10
CA LEU A 47 7.50 35.48 -1.32
C LEU A 47 6.07 35.86 -1.61
N GLU A 48 5.17 35.50 -0.71
CA GLU A 48 3.77 35.81 -0.88
C GLU A 48 3.58 37.32 -0.82
N GLU A 49 4.31 37.99 0.06
CA GLU A 49 4.21 39.44 0.15
C GLU A 49 4.70 40.06 -1.14
N GLN A 50 5.89 39.63 -1.57
CA GLN A 50 6.51 40.13 -2.79
C GLN A 50 5.53 39.99 -3.94
N HIS A 51 4.99 38.79 -4.11
CA HIS A 51 4.04 38.52 -5.19
C HIS A 51 2.65 38.11 -4.69
N PRO A 52 1.66 39.02 -4.77
CA PRO A 52 0.28 38.67 -4.37
C PRO A 52 -0.47 37.72 -5.31
N GLU A 53 0.03 37.46 -6.51
CA GLU A 53 -0.65 36.57 -7.42
C GLU A 53 -0.79 35.19 -6.79
N LEU A 54 0.27 34.75 -6.12
CA LEU A 54 0.32 33.44 -5.49
C LEU A 54 -0.64 33.25 -4.32
N ARG A 55 -1.02 34.33 -3.66
CA ARG A 55 -1.95 34.22 -2.53
C ARG A 55 -3.26 33.57 -2.99
N THR A 56 -3.55 32.37 -2.53
CA THR A 56 -4.79 31.73 -2.93
C THR A 56 -5.49 31.05 -1.74
N PRO A 57 -6.78 30.71 -1.90
CA PRO A 57 -7.49 30.02 -0.82
C PRO A 57 -6.88 28.67 -0.43
N ASP A 58 -6.22 28.00 -1.38
CA ASP A 58 -5.62 26.69 -1.15
C ASP A 58 -4.14 26.74 -0.77
N SER A 59 -3.63 27.93 -0.52
CA SER A 59 -2.25 28.13 -0.12
C SER A 59 -2.13 27.89 1.36
N PRO A 60 -0.98 27.37 1.83
CA PRO A 60 -0.86 27.19 3.27
C PRO A 60 -0.95 28.51 4.03
N THR A 61 -0.33 29.55 3.48
CA THR A 61 -0.32 30.86 4.13
C THR A 61 -1.61 31.67 4.07
N GLN A 62 -2.20 31.87 2.89
CA GLN A 62 -3.41 32.69 2.85
C GLN A 62 -4.63 32.17 3.64
N LEU A 63 -5.22 31.05 3.24
CA LEU A 63 -6.42 30.61 3.95
C LEU A 63 -6.28 29.40 4.86
N VAL A 64 -5.23 28.57 4.76
CA VAL A 64 -5.22 27.37 5.62
C VAL A 64 -4.04 27.11 6.57
N GLY A 65 -4.04 27.75 7.74
CA GLY A 65 -2.99 27.56 8.72
C GLY A 65 -3.31 26.46 9.73
N GLY A 66 -3.04 25.22 9.35
CA GLY A 66 -3.30 24.06 10.20
C GLY A 66 -4.60 23.34 9.91
N ALA A 67 -5.22 23.66 8.78
CA ALA A 67 -6.47 23.04 8.37
C ALA A 67 -6.30 22.48 6.96
N GLY A 68 -7.37 22.02 6.32
CA GLY A 68 -7.26 21.53 4.96
C GLY A 68 -6.62 20.17 4.88
N PHE A 69 -6.93 19.33 5.86
CA PHE A 69 -6.41 17.98 5.95
C PHE A 69 -7.56 17.02 6.19
N ALA A 70 -8.41 16.85 5.20
CA ALA A 70 -9.55 15.96 5.31
C ALA A 70 -9.54 14.98 4.16
N THR A 71 -10.24 13.86 4.34
CA THR A 71 -10.34 12.82 3.31
C THR A 71 -11.79 12.70 2.85
N ASP A 72 -12.08 12.93 1.57
CA ASP A 72 -13.46 12.88 1.12
C ASP A 72 -13.85 11.61 0.37
N PHE A 73 -12.92 10.66 0.31
CA PHE A 73 -13.12 9.40 -0.42
C PHE A 73 -13.56 9.64 -1.86
N GLU A 74 -13.01 10.66 -2.50
CA GLU A 74 -13.37 10.96 -3.89
C GLU A 74 -12.98 9.80 -4.78
N PRO A 75 -13.86 9.41 -5.71
CA PRO A 75 -13.47 8.32 -6.60
C PRO A 75 -12.19 8.65 -7.37
N VAL A 76 -11.24 7.72 -7.43
CA VAL A 76 -10.02 7.94 -8.21
C VAL A 76 -9.73 6.65 -8.97
N ASP A 77 -9.19 6.79 -10.18
CA ASP A 77 -8.86 5.64 -11.01
C ASP A 77 -7.59 4.88 -10.64
N HIS A 78 -7.52 3.62 -11.03
CA HIS A 78 -6.33 2.81 -10.79
C HIS A 78 -5.59 2.79 -12.11
N LEU A 79 -4.27 2.85 -12.09
CA LEU A 79 -3.50 2.86 -13.33
C LEU A 79 -3.71 1.56 -14.10
N GLU A 80 -3.72 0.46 -13.38
CA GLU A 80 -3.94 -0.85 -13.96
C GLU A 80 -5.07 -1.49 -13.17
N ARG A 81 -5.81 -2.38 -13.81
CA ARG A 81 -6.94 -3.01 -13.14
C ARG A 81 -6.44 -3.76 -11.92
N MET A 82 -7.15 -3.62 -10.80
CA MET A 82 -6.80 -4.25 -9.55
C MET A 82 -7.86 -5.30 -9.29
N LEU A 83 -7.66 -6.48 -9.88
CA LEU A 83 -8.61 -7.57 -9.79
C LEU A 83 -8.58 -8.33 -8.48
N SER A 84 -9.63 -9.11 -8.25
CA SER A 84 -9.74 -9.94 -7.04
C SER A 84 -9.19 -11.35 -7.34
N LEU A 85 -9.30 -12.41 -6.53
CA LEU A 85 -8.67 -13.70 -6.90
C LEU A 85 -9.57 -14.92 -6.79
N ASP A 86 -9.31 -15.92 -7.63
CA ASP A 86 -10.05 -17.16 -7.62
C ASP A 86 -9.59 -17.93 -6.40
N ASN A 87 -10.49 -18.72 -5.80
CA ASN A 87 -10.12 -19.43 -4.60
C ASN A 87 -10.16 -20.95 -4.70
N ALA A 88 -9.42 -21.63 -3.84
CA ALA A 88 -9.38 -23.08 -3.84
C ALA A 88 -9.47 -23.63 -2.41
N PHE A 89 -10.54 -24.35 -2.07
CA PHE A 89 -10.67 -24.88 -0.73
C PHE A 89 -10.33 -26.36 -0.61
N THR A 90 -10.05 -27.01 -1.73
CA THR A 90 -9.73 -28.43 -1.71
C THR A 90 -8.48 -28.67 -2.54
N ALA A 91 -7.80 -29.78 -2.26
CA ALA A 91 -6.59 -30.13 -2.96
C ALA A 91 -6.87 -30.41 -4.43
N ASP A 92 -8.03 -30.99 -4.71
CA ASP A 92 -8.41 -31.30 -6.07
C ASP A 92 -8.45 -30.02 -6.87
N GLU A 93 -9.07 -29.00 -6.31
CA GLU A 93 -9.18 -27.71 -6.98
C GLU A 93 -7.79 -27.16 -7.26
N LEU A 94 -6.92 -27.25 -6.27
CA LEU A 94 -5.57 -26.75 -6.42
C LEU A 94 -4.89 -27.47 -7.57
N ALA A 95 -5.04 -28.79 -7.59
CA ALA A 95 -4.45 -29.61 -8.64
C ALA A 95 -5.08 -29.22 -9.97
N ALA A 96 -6.41 -29.01 -9.94
CA ALA A 96 -7.19 -28.63 -11.12
C ALA A 96 -6.81 -27.25 -11.62
N TRP A 97 -6.58 -26.32 -10.70
CA TRP A 97 -6.14 -24.96 -11.05
C TRP A 97 -4.76 -25.05 -11.66
N ALA A 98 -3.94 -25.91 -11.07
CA ALA A 98 -2.63 -26.18 -11.55
C ALA A 98 -2.53 -27.30 -12.60
N GLY A 99 -3.61 -27.69 -13.41
CA GLY A 99 -3.71 -28.59 -14.56
C GLY A 99 -3.65 -27.71 -15.82
N ARG A 100 -4.44 -26.63 -15.83
CA ARG A 100 -4.50 -25.63 -16.87
C ARG A 100 -3.08 -25.10 -16.97
N ILE A 101 -2.51 -24.75 -15.83
CA ILE A 101 -1.13 -24.34 -15.79
C ILE A 101 -0.50 -25.74 -15.91
N HIS A 102 0.30 -25.94 -16.99
CA HIS A 102 1.03 -27.16 -17.46
C HIS A 102 0.09 -28.16 -18.16
N ALA A 103 -1.10 -27.72 -18.60
CA ALA A 103 -1.90 -28.23 -19.71
C ALA A 103 -1.46 -27.38 -20.91
N GLU A 104 -1.33 -26.09 -20.58
CA GLU A 104 -0.83 -25.03 -21.44
C GLU A 104 0.40 -24.43 -20.73
N VAL A 105 1.15 -23.58 -21.44
CA VAL A 105 2.38 -22.92 -20.95
C VAL A 105 3.27 -23.76 -20.03
N GLY A 106 3.65 -24.94 -20.52
CA GLY A 106 4.52 -25.87 -19.82
C GLY A 106 5.95 -26.00 -19.21
N ASP A 107 6.00 -26.27 -17.90
CA ASP A 107 7.21 -26.38 -17.05
C ASP A 107 8.11 -25.21 -16.58
N ALA A 108 8.50 -24.24 -17.43
CA ALA A 108 9.38 -23.17 -16.98
C ALA A 108 8.81 -22.43 -15.76
N ALA A 109 7.50 -22.60 -15.56
CA ALA A 109 6.78 -21.97 -14.49
C ALA A 109 7.09 -22.40 -13.04
N HIS A 110 7.69 -21.52 -12.25
CA HIS A 110 7.88 -21.78 -10.85
C HIS A 110 6.72 -21.12 -10.14
N TYR A 111 6.33 -21.65 -9.00
CA TYR A 111 5.21 -21.08 -8.27
C TYR A 111 5.56 -20.37 -6.96
N LEU A 112 5.48 -19.04 -6.93
CA LEU A 112 5.78 -18.30 -5.72
C LEU A 112 4.64 -18.53 -4.73
N CYS A 113 4.96 -18.75 -3.46
CA CYS A 113 3.93 -18.99 -2.46
C CYS A 113 3.99 -17.89 -1.40
N GLU A 114 2.85 -17.32 -1.03
CA GLU A 114 2.81 -16.30 0.00
C GLU A 114 1.67 -16.55 0.97
N LEU A 115 1.77 -15.97 2.16
CA LEU A 115 0.72 -16.09 3.14
C LEU A 115 -0.40 -15.14 2.75
N ARG A 116 -1.63 -15.57 3.09
CA ARG A 116 -2.77 -14.74 2.87
C ARG A 116 -3.28 -14.00 4.12
N ILE A 117 -2.72 -12.83 4.34
CA ILE A 117 -3.18 -11.83 5.23
C ILE A 117 -4.58 -11.32 4.77
N ASP A 118 -5.61 -11.68 5.52
CA ASP A 118 -6.97 -11.24 5.39
C ASP A 118 -7.00 -9.91 6.08
N GLY A 119 -6.80 -8.73 5.37
CA GLY A 119 -6.84 -7.35 5.80
C GLY A 119 -7.63 -6.47 4.84
N VAL A 120 -7.15 -5.26 4.59
CA VAL A 120 -7.80 -4.40 3.62
C VAL A 120 -6.83 -4.06 2.48
N ALA A 121 -7.26 -4.26 1.22
CA ALA A 121 -6.45 -3.91 0.06
C ALA A 121 -6.09 -2.43 0.03
N LEU A 122 -4.89 -2.10 -0.41
CA LEU A 122 -4.50 -0.71 -0.55
C LEU A 122 -3.61 -0.60 -1.77
N SER A 123 -3.85 0.40 -2.62
CA SER A 123 -3.05 0.58 -3.81
C SER A 123 -2.30 1.90 -3.66
N LEU A 124 -0.98 1.86 -3.70
CA LEU A 124 -0.20 3.07 -3.56
C LEU A 124 0.42 3.42 -4.91
N VAL A 125 0.31 4.68 -5.31
CA VAL A 125 0.89 5.10 -6.58
C VAL A 125 2.10 5.98 -6.28
N TYR A 126 3.30 5.48 -6.53
CA TYR A 126 4.50 6.21 -6.30
C TYR A 126 5.02 6.91 -7.57
N ARG A 127 5.07 8.25 -7.60
CA ARG A 127 5.52 8.99 -8.76
C ARG A 127 6.89 9.71 -8.60
N GLU A 128 7.93 9.13 -9.19
CA GLU A 128 9.32 9.61 -9.23
C GLU A 128 9.92 9.53 -7.85
N GLY A 129 9.66 8.40 -7.21
CA GLY A 129 10.15 8.14 -5.87
C GLY A 129 9.39 8.91 -4.82
N ARG A 130 8.18 9.34 -5.16
CA ARG A 130 7.37 10.12 -4.24
C ARG A 130 5.99 9.48 -4.17
N LEU A 131 5.38 9.47 -3.00
CA LEU A 131 4.05 8.88 -2.88
C LEU A 131 3.02 9.97 -3.19
N THR A 132 2.25 9.80 -4.26
CA THR A 132 1.24 10.78 -4.64
C THR A 132 -0.21 10.37 -4.39
N ARG A 133 -0.54 9.09 -4.49
CA ARG A 133 -1.91 8.66 -4.28
C ARG A 133 -2.00 7.33 -3.54
N ALA A 134 -2.97 7.22 -2.64
CA ALA A 134 -3.23 5.98 -1.94
C ALA A 134 -4.70 5.70 -2.17
N SER A 135 -5.06 4.49 -2.60
CA SER A 135 -6.46 4.23 -2.85
C SER A 135 -6.93 2.83 -2.46
N THR A 136 -8.24 2.69 -2.24
CA THR A 136 -8.82 1.41 -1.89
C THR A 136 -9.15 0.66 -3.17
N ARG A 137 -9.54 -0.61 -3.04
CA ARG A 137 -9.88 -1.40 -4.20
C ARG A 137 -11.13 -0.93 -4.92
N GLY A 138 -12.23 -0.75 -4.20
CA GLY A 138 -13.48 -0.35 -4.82
C GLY A 138 -13.97 -1.42 -5.79
N ASP A 139 -14.25 -1.08 -7.04
CA ASP A 139 -14.72 -2.07 -8.01
C ASP A 139 -13.59 -2.74 -8.80
N GLY A 140 -12.38 -2.21 -8.65
CA GLY A 140 -11.24 -2.72 -9.39
C GLY A 140 -10.83 -2.03 -10.68
N ARG A 141 -11.56 -1.00 -11.06
CA ARG A 141 -11.14 0.10 -11.91
C ARG A 141 -10.99 1.39 -11.11
N THR A 142 -11.91 1.66 -10.19
CA THR A 142 -11.86 2.88 -9.40
C THR A 142 -11.97 2.61 -7.90
N GLY A 143 -11.25 3.38 -7.09
CA GLY A 143 -11.28 3.19 -5.66
C GLY A 143 -11.60 4.49 -4.95
N GLU A 144 -11.34 4.54 -3.65
CA GLU A 144 -11.60 5.75 -2.89
C GLU A 144 -10.26 6.37 -2.58
N ASP A 145 -10.19 7.71 -2.54
CA ASP A 145 -8.94 8.40 -2.27
C ASP A 145 -8.63 8.50 -0.77
N VAL A 146 -7.67 7.72 -0.28
CA VAL A 146 -7.28 7.80 1.11
C VAL A 146 -5.81 8.20 1.21
N THR A 147 -5.42 9.17 0.38
CA THR A 147 -4.05 9.72 0.35
C THR A 147 -3.56 10.12 1.72
N LEU A 148 -4.27 11.03 2.35
CA LEU A 148 -3.90 11.55 3.65
C LEU A 148 -3.94 10.47 4.71
N ASN A 149 -4.96 9.62 4.70
CA ASN A 149 -5.03 8.58 5.71
C ASN A 149 -3.86 7.69 5.48
N ALA A 150 -3.66 7.22 4.24
CA ALA A 150 -2.59 6.31 3.95
C ALA A 150 -1.20 6.82 4.15
N ARG A 151 -1.03 8.13 4.14
CA ARG A 151 0.30 8.69 4.38
C ARG A 151 0.75 8.49 5.83
N THR A 152 -0.14 8.15 6.75
CA THR A 152 0.31 7.94 8.13
C THR A 152 0.74 6.54 8.57
N ILE A 153 0.52 5.51 7.78
CA ILE A 153 0.95 4.17 8.21
C ILE A 153 2.47 4.18 8.38
N ALA A 154 2.99 3.67 9.49
CA ALA A 154 4.43 3.72 9.71
C ALA A 154 5.19 2.97 8.64
N ASP A 155 4.60 1.86 8.22
CA ASP A 155 5.20 0.98 7.22
C ASP A 155 5.26 1.53 5.80
N VAL A 156 4.52 2.58 5.49
CA VAL A 156 4.56 3.11 4.14
C VAL A 156 5.49 4.32 4.06
N PRO A 157 6.62 4.17 3.34
CA PRO A 157 7.53 5.32 3.26
C PRO A 157 6.96 6.40 2.36
N GLU A 158 7.23 7.65 2.68
CA GLU A 158 6.73 8.73 1.85
C GLU A 158 7.56 8.80 0.60
N ARG A 159 8.84 8.45 0.69
CA ARG A 159 9.69 8.54 -0.48
C ARG A 159 10.47 7.25 -0.66
N LEU A 160 10.67 6.83 -1.90
CA LEU A 160 11.39 5.61 -2.15
C LEU A 160 12.85 5.87 -1.93
N THR A 161 13.58 4.83 -1.55
CA THR A 161 15.01 4.95 -1.26
C THR A 161 15.87 4.68 -2.48
N PRO A 162 16.62 5.69 -2.94
CA PRO A 162 17.40 5.41 -4.16
C PRO A 162 18.42 4.31 -3.93
N GLY A 163 18.63 3.45 -4.94
CA GLY A 163 19.58 2.36 -4.82
C GLY A 163 20.32 2.07 -6.11
N ASP A 164 21.58 1.54 -6.14
CA ASP A 164 22.27 1.30 -7.39
C ASP A 164 21.76 0.06 -8.08
N ASP A 165 21.64 -1.03 -7.33
CA ASP A 165 21.17 -2.29 -7.87
C ASP A 165 19.79 -2.12 -8.47
N TYR A 166 18.90 -1.41 -7.77
CA TYR A 166 17.54 -1.20 -8.25
C TYR A 166 17.24 0.28 -8.39
N PRO A 167 17.32 0.82 -9.61
CA PRO A 167 17.09 2.26 -9.75
C PRO A 167 15.63 2.62 -9.46
N VAL A 168 15.38 3.76 -8.82
CA VAL A 168 14.01 4.14 -8.49
C VAL A 168 13.11 4.32 -9.73
N PRO A 169 12.00 3.59 -9.82
CA PRO A 169 11.19 3.78 -11.05
C PRO A 169 10.43 5.10 -11.13
N GLU A 170 10.13 5.55 -12.35
CA GLU A 170 9.43 6.80 -12.58
C GLU A 170 8.02 6.78 -12.00
N VAL A 171 7.28 5.74 -12.30
CA VAL A 171 5.93 5.58 -11.79
C VAL A 171 5.80 4.17 -11.24
N LEU A 172 5.66 4.02 -9.93
CA LEU A 172 5.55 2.69 -9.36
C LEU A 172 4.22 2.56 -8.64
N GLU A 173 3.33 1.70 -9.13
CA GLU A 173 2.05 1.49 -8.47
C GLU A 173 2.13 0.11 -7.84
N VAL A 174 2.17 0.06 -6.52
CA VAL A 174 2.27 -1.20 -5.81
C VAL A 174 1.04 -1.46 -4.94
N ARG A 175 0.45 -2.66 -5.03
CA ARG A 175 -0.69 -3.00 -4.20
C ARG A 175 -0.19 -3.58 -2.90
N GLY A 176 -1.03 -3.67 -1.81
CA GLY A 176 -0.74 -4.25 -0.51
C GLY A 176 -1.96 -4.39 0.35
N GLU A 177 -1.82 -4.93 1.58
CA GLU A 177 -2.91 -5.15 2.49
C GLU A 177 -2.59 -4.41 3.76
N VAL A 178 -3.51 -3.59 4.25
CA VAL A 178 -3.27 -2.89 5.48
C VAL A 178 -3.96 -3.72 6.55
N PHE A 179 -3.26 -4.05 7.63
CA PHE A 179 -3.84 -4.89 8.66
C PHE A 179 -3.45 -4.43 10.05
N PHE A 180 -3.97 -5.02 11.30
CA PHE A 180 -3.40 -5.01 12.63
C PHE A 180 -2.86 -6.39 12.93
N ARG A 181 -2.21 -5.76 14.00
CA ARG A 181 -1.63 -6.89 14.69
C ARG A 181 -2.66 -7.32 15.73
N LEU A 182 -2.68 -8.60 16.06
CA LEU A 182 -3.63 -9.12 17.02
C LEU A 182 -3.56 -8.38 18.35
N ASP A 183 -2.36 -8.20 18.87
CA ASP A 183 -2.19 -7.51 20.14
C ASP A 183 -2.68 -6.06 20.07
N ASP A 184 -2.28 -5.36 19.02
CA ASP A 184 -2.67 -3.97 18.83
C ASP A 184 -4.15 -3.82 18.59
N PHE A 185 -4.75 -4.84 17.99
CA PHE A 185 -6.18 -4.84 17.71
C PHE A 185 -6.95 -4.78 19.02
N GLN A 186 -6.54 -5.60 19.98
CA GLN A 186 -7.18 -5.65 21.28
C GLN A 186 -6.99 -4.34 22.03
N ALA A 187 -5.79 -3.80 21.96
CA ALA A 187 -5.47 -2.56 22.64
C ALA A 187 -6.37 -1.44 22.15
N LEU A 188 -6.53 -1.35 20.85
CA LEU A 188 -7.37 -0.33 20.25
C LEU A 188 -8.80 -0.47 20.72
N ASN A 189 -9.24 -1.71 20.83
CA ASN A 189 -10.60 -2.03 21.26
C ASN A 189 -10.85 -1.54 22.68
N ALA A 190 -9.86 -1.75 23.54
CA ALA A 190 -9.92 -1.31 24.91
C ALA A 190 -9.82 0.21 24.97
N SER A 191 -9.10 0.82 24.05
CA SER A 191 -9.03 2.28 24.05
C SER A 191 -10.41 2.83 23.76
N LEU A 192 -11.09 2.26 22.75
CA LEU A 192 -12.41 2.73 22.34
C LEU A 192 -13.46 2.67 23.44
N VAL A 193 -13.44 1.57 24.17
CA VAL A 193 -14.36 1.35 25.28
C VAL A 193 -14.03 2.30 26.41
N GLU A 194 -12.79 2.75 26.53
CA GLU A 194 -12.47 3.72 27.57
C GLU A 194 -13.15 5.04 27.17
N GLU A 195 -13.19 5.29 25.85
CA GLU A 195 -13.84 6.46 25.29
C GLU A 195 -15.36 6.32 25.15
N GLY A 196 -15.90 5.18 25.51
CA GLY A 196 -17.34 4.96 25.38
C GLY A 196 -17.71 4.81 23.93
N LYS A 197 -16.79 4.29 23.13
CA LYS A 197 -17.01 4.06 21.71
C LYS A 197 -17.17 2.56 21.50
N ALA A 198 -17.91 2.17 20.48
CA ALA A 198 -18.13 0.76 20.17
C ALA A 198 -16.86 0.07 19.66
N PRO A 199 -16.53 -1.11 20.23
CA PRO A 199 -15.34 -1.81 19.79
C PRO A 199 -15.56 -2.57 18.50
N PHE A 200 -14.50 -2.94 17.81
CA PHE A 200 -14.63 -3.65 16.56
C PHE A 200 -14.72 -5.17 16.72
N ALA A 201 -15.54 -5.83 15.91
CA ALA A 201 -15.68 -7.27 16.03
C ALA A 201 -14.44 -8.06 15.62
N ASN A 202 -13.68 -7.57 14.65
CA ASN A 202 -12.49 -8.29 14.22
C ASN A 202 -11.39 -7.35 13.70
N PRO A 203 -10.15 -7.83 13.55
CA PRO A 203 -9.12 -6.90 13.08
C PRO A 203 -9.33 -6.31 11.69
N ARG A 204 -9.89 -7.07 10.77
CA ARG A 204 -10.12 -6.56 9.43
C ARG A 204 -11.00 -5.33 9.52
N ASN A 205 -12.11 -5.46 10.23
CA ASN A 205 -13.05 -4.36 10.40
C ASN A 205 -12.37 -3.19 11.11
N SER A 206 -11.61 -3.52 12.11
CA SER A 206 -10.93 -2.49 12.76
C SER A 206 -10.11 -1.90 11.62
N ALA A 207 -9.42 -2.78 10.82
CA ALA A 207 -8.38 -2.37 9.74
C ALA A 207 -8.85 -1.33 8.88
N ALA A 208 -10.05 -1.62 8.62
CA ALA A 208 -10.82 -0.90 7.62
C ALA A 208 -11.35 0.42 8.16
N GLY A 209 -11.97 0.34 9.32
CA GLY A 209 -12.54 1.50 9.98
C GLY A 209 -11.45 2.51 10.25
N SER A 210 -10.34 2.05 10.81
CA SER A 210 -9.23 2.93 11.11
C SER A 210 -8.73 3.63 9.86
N LEU A 211 -8.72 2.92 8.73
CA LEU A 211 -8.23 3.52 7.50
C LEU A 211 -9.19 4.54 6.92
N ARG A 212 -10.47 4.23 6.94
CA ARG A 212 -11.45 5.14 6.38
C ARG A 212 -11.89 6.22 7.37
N GLN A 213 -11.01 7.18 7.59
CA GLN A 213 -11.33 8.24 8.51
C GLN A 213 -11.35 9.56 7.74
N LYS A 214 -12.37 10.38 7.96
CA LYS A 214 -12.44 11.67 7.27
C LYS A 214 -11.32 12.56 7.77
N ASP A 215 -10.94 12.38 9.03
CA ASP A 215 -9.87 13.15 9.61
C ASP A 215 -8.66 12.21 9.68
N PRO A 216 -7.60 12.52 8.93
CA PRO A 216 -6.46 11.60 8.94
C PRO A 216 -5.70 11.48 10.26
N ALA A 217 -5.82 12.45 11.15
CA ALA A 217 -5.10 12.39 12.43
C ALA A 217 -5.57 11.21 13.26
N VAL A 218 -6.83 10.85 13.08
CA VAL A 218 -7.41 9.73 13.78
C VAL A 218 -6.66 8.46 13.42
N THR A 219 -6.42 8.31 12.14
CA THR A 219 -5.71 7.18 11.57
C THR A 219 -4.26 7.12 12.03
N ALA A 220 -3.69 8.28 12.34
CA ALA A 220 -2.31 8.37 12.82
C ALA A 220 -2.12 7.77 14.20
N ARG A 221 -3.09 7.98 15.07
CA ARG A 221 -2.98 7.48 16.42
C ARG A 221 -3.02 5.96 16.48
N ARG A 222 -3.67 5.33 15.51
CA ARG A 222 -3.78 3.88 15.50
C ARG A 222 -2.63 3.19 14.78
N ARG A 223 -2.18 2.06 15.31
CA ARG A 223 -1.04 1.32 14.75
C ARG A 223 -1.36 0.45 13.54
N LEU A 224 -1.74 1.07 12.42
CA LEU A 224 -2.05 0.32 11.23
C LEU A 224 -0.76 -0.18 10.60
N ARG A 225 -0.79 -1.37 10.02
CA ARG A 225 0.40 -1.89 9.38
C ARG A 225 0.11 -2.23 7.93
N MET A 226 1.17 -2.43 7.15
CA MET A 226 1.00 -2.74 5.75
C MET A 226 2.09 -3.68 5.21
N ILE A 227 1.70 -4.58 4.31
CA ILE A 227 2.63 -5.50 3.69
C ILE A 227 2.41 -4.98 2.27
N CYS A 228 3.39 -5.06 1.39
CA CYS A 228 3.20 -5.02 -0.06
C CYS A 228 3.20 -6.43 -0.69
N HIS A 229 2.15 -6.78 -1.44
CA HIS A 229 2.10 -8.09 -2.07
C HIS A 229 1.95 -8.18 -3.58
N GLY A 230 1.90 -7.06 -4.28
CA GLY A 230 1.75 -7.13 -5.71
C GLY A 230 2.10 -5.83 -6.41
N LEU A 231 2.07 -5.77 -7.76
CA LEU A 231 2.39 -4.56 -8.48
C LEU A 231 1.36 -4.35 -9.57
N GLY A 232 1.09 -3.09 -9.89
CA GLY A 232 0.15 -2.77 -10.93
C GLY A 232 0.93 -2.11 -12.05
N HIS A 233 0.58 -0.90 -12.45
CA HIS A 233 1.31 -0.24 -13.51
C HIS A 233 2.71 0.19 -13.05
N VAL A 234 3.72 0.03 -13.90
CA VAL A 234 5.07 0.42 -13.52
C VAL A 234 5.82 1.00 -14.72
N GLU A 235 6.54 2.09 -14.53
CA GLU A 235 7.31 2.66 -15.61
C GLU A 235 8.78 2.69 -15.20
N GLY A 236 9.66 2.07 -15.98
CA GLY A 236 11.07 2.07 -15.65
C GLY A 236 11.48 0.97 -14.69
N PHE A 237 10.78 -0.15 -14.77
CA PHE A 237 11.05 -1.28 -13.91
C PHE A 237 10.35 -2.43 -14.59
N ARG A 238 11.11 -3.29 -15.26
CA ARG A 238 10.53 -4.44 -15.88
C ARG A 238 11.13 -5.58 -15.11
N PRO A 239 10.50 -5.94 -13.97
CA PRO A 239 11.16 -7.01 -13.24
C PRO A 239 10.92 -8.33 -13.94
N ALA A 240 11.96 -9.13 -14.12
CA ALA A 240 11.81 -10.37 -14.84
C ALA A 240 10.76 -11.26 -14.23
N THR A 241 10.84 -11.42 -12.93
CA THR A 241 9.91 -12.27 -12.21
C THR A 241 9.43 -11.59 -10.91
N LEU A 242 8.39 -12.12 -10.29
CA LEU A 242 7.80 -11.54 -9.06
C LEU A 242 8.64 -11.62 -7.76
N HIS A 243 9.53 -12.59 -7.64
CA HIS A 243 10.37 -12.78 -6.46
C HIS A 243 11.49 -11.75 -6.46
N GLN A 244 11.93 -11.38 -7.67
CA GLN A 244 12.96 -10.40 -7.90
C GLN A 244 12.38 -9.02 -7.67
N ALA A 245 11.07 -8.91 -7.89
CA ALA A 245 10.36 -7.68 -7.68
C ALA A 245 10.41 -7.28 -6.22
N TYR A 246 10.28 -8.28 -5.35
CA TYR A 246 10.28 -8.06 -3.92
C TYR A 246 11.64 -7.56 -3.50
N LEU A 247 12.69 -7.98 -4.19
CA LEU A 247 14.04 -7.50 -3.90
C LEU A 247 14.08 -5.99 -4.09
N ALA A 248 13.51 -5.54 -5.19
CA ALA A 248 13.47 -4.12 -5.49
C ALA A 248 12.67 -3.37 -4.44
N LEU A 249 11.55 -3.95 -4.04
CA LEU A 249 10.68 -3.33 -3.05
C LEU A 249 11.43 -3.04 -1.76
N ARG A 250 12.16 -4.06 -1.30
CA ARG A 250 12.97 -3.96 -0.11
C ARG A 250 14.01 -2.90 -0.32
N ALA A 251 14.64 -2.90 -1.49
CA ALA A 251 15.68 -1.91 -1.76
C ALA A 251 15.13 -0.48 -1.59
N TRP A 252 13.90 -0.28 -2.06
CA TRP A 252 13.23 1.01 -1.97
C TRP A 252 12.59 1.30 -0.60
N GLY A 253 12.65 0.34 0.31
CA GLY A 253 12.09 0.54 1.63
C GLY A 253 10.64 0.17 1.81
N LEU A 254 10.08 -0.53 0.85
CA LEU A 254 8.69 -0.94 0.95
C LEU A 254 8.59 -2.23 1.75
N PRO A 255 7.55 -2.37 2.58
CA PRO A 255 7.43 -3.56 3.43
C PRO A 255 7.11 -4.87 2.68
N VAL A 256 7.86 -5.93 2.92
CA VAL A 256 7.64 -7.20 2.25
C VAL A 256 7.59 -8.31 3.30
N SER A 257 6.67 -9.26 3.15
CA SER A 257 6.54 -10.36 4.10
C SER A 257 7.73 -11.32 4.01
N GLU A 258 8.09 -11.93 5.14
CA GLU A 258 9.23 -12.82 5.18
C GLU A 258 8.85 -14.30 5.10
N HIS A 259 7.57 -14.59 4.89
CA HIS A 259 7.11 -15.96 4.81
C HIS A 259 6.87 -16.44 3.39
N THR A 260 7.34 -15.67 2.41
CA THR A 260 7.16 -16.03 1.02
C THR A 260 8.23 -17.06 0.61
N THR A 261 7.85 -18.11 -0.09
CA THR A 261 8.82 -19.10 -0.54
C THR A 261 8.62 -19.34 -2.02
N LEU A 262 9.61 -19.94 -2.66
CA LEU A 262 9.53 -20.22 -4.08
C LEU A 262 9.46 -21.73 -4.29
N ALA A 263 8.43 -22.21 -4.99
CA ALA A 263 8.30 -23.65 -5.20
C ALA A 263 8.40 -24.01 -6.68
N THR A 264 9.30 -24.91 -7.06
CA THR A 264 9.49 -25.25 -8.47
C THR A 264 8.33 -26.00 -9.10
N ASP A 265 7.64 -26.79 -8.30
CA ASP A 265 6.57 -27.61 -8.84
C ASP A 265 5.36 -27.62 -7.91
N LEU A 266 4.32 -28.38 -8.22
CA LEU A 266 3.15 -28.43 -7.34
C LEU A 266 3.41 -29.09 -5.99
N ALA A 267 4.40 -29.98 -5.97
CA ALA A 267 4.79 -30.72 -4.77
C ALA A 267 5.31 -29.77 -3.72
N GLY A 268 6.10 -28.80 -4.15
CA GLY A 268 6.65 -27.82 -3.24
C GLY A 268 5.52 -26.98 -2.68
N VAL A 269 4.55 -26.67 -3.54
CA VAL A 269 3.41 -25.87 -3.16
C VAL A 269 2.58 -26.60 -2.12
N ARG A 270 2.34 -27.88 -2.37
CA ARG A 270 1.55 -28.72 -1.49
C ARG A 270 2.17 -28.75 -0.10
N GLU A 271 3.50 -28.85 -0.05
CA GLU A 271 4.24 -28.91 1.20
C GLU A 271 3.99 -27.66 2.00
N ARG A 272 4.02 -26.52 1.32
CA ARG A 272 3.78 -25.23 1.97
C ARG A 272 2.36 -25.12 2.50
N ILE A 273 1.41 -25.60 1.72
CA ILE A 273 0.03 -25.55 2.14
C ILE A 273 -0.16 -26.47 3.33
N ASP A 274 0.41 -27.67 3.30
CA ASP A 274 0.24 -28.51 4.46
C ASP A 274 0.92 -27.87 5.67
N TYR A 275 2.08 -27.27 5.44
CA TYR A 275 2.84 -26.63 6.51
C TYR A 275 2.10 -25.47 7.13
N TRP A 276 1.60 -24.56 6.31
CA TRP A 276 0.87 -23.39 6.80
C TRP A 276 -0.48 -23.73 7.45
N GLY A 277 -1.08 -24.86 7.10
CA GLY A 277 -2.30 -25.29 7.74
C GLY A 277 -2.06 -25.48 9.24
N GLU A 278 -0.90 -26.00 9.61
CA GLU A 278 -0.57 -26.22 11.01
C GLU A 278 0.20 -25.08 11.67
N HIS A 279 0.75 -24.14 10.91
CA HIS A 279 1.51 -23.06 11.54
C HIS A 279 0.96 -21.66 11.24
N ARG A 280 -0.30 -21.62 10.82
CA ARG A 280 -0.98 -20.37 10.54
C ARG A 280 -1.16 -19.54 11.81
N HIS A 281 -1.48 -20.19 12.93
CA HIS A 281 -1.72 -19.45 14.17
C HIS A 281 -0.53 -18.70 14.74
N GLU A 282 0.66 -19.19 14.41
CA GLU A 282 1.93 -18.66 14.91
C GLU A 282 2.29 -17.27 14.44
N VAL A 283 1.64 -16.81 13.37
CA VAL A 283 1.89 -15.48 12.82
C VAL A 283 1.15 -14.37 13.59
N ASP A 284 1.78 -13.20 13.69
CA ASP A 284 1.21 -12.08 14.45
C ASP A 284 -0.04 -11.42 13.88
N HIS A 285 -0.38 -11.70 12.64
CA HIS A 285 -1.57 -11.11 12.04
C HIS A 285 -2.41 -12.22 11.44
N GLU A 286 -3.66 -11.90 11.13
CA GLU A 286 -4.59 -12.89 10.60
C GLU A 286 -4.17 -13.46 9.25
N ILE A 287 -3.98 -14.76 9.14
CA ILE A 287 -3.63 -15.39 7.88
C ILE A 287 -4.68 -16.46 7.56
N ASP A 288 -5.52 -16.25 6.55
CA ASP A 288 -6.56 -17.23 6.22
C ASP A 288 -6.30 -18.10 5.00
N GLY A 289 -5.12 -18.01 4.41
CA GLY A 289 -4.86 -18.77 3.20
C GLY A 289 -3.46 -18.74 2.67
N VAL A 290 -3.19 -19.28 1.47
CA VAL A 290 -1.88 -19.20 0.86
C VAL A 290 -2.14 -18.82 -0.59
N VAL A 291 -1.51 -17.78 -1.10
CA VAL A 291 -1.73 -17.39 -2.49
C VAL A 291 -0.60 -17.95 -3.35
N VAL A 292 -0.92 -18.75 -4.37
CA VAL A 292 0.10 -19.32 -5.24
C VAL A 292 0.13 -18.59 -6.57
N LYS A 293 1.22 -17.91 -6.91
CA LYS A 293 1.24 -17.16 -8.16
C LYS A 293 2.21 -17.75 -9.17
N VAL A 294 1.81 -17.87 -10.44
CA VAL A 294 2.75 -18.42 -11.40
C VAL A 294 3.67 -17.22 -11.46
N ASP A 295 4.89 -17.42 -11.02
CA ASP A 295 5.82 -16.36 -10.88
C ASP A 295 6.49 -15.58 -12.04
N GLU A 296 6.89 -16.27 -13.09
CA GLU A 296 7.53 -15.60 -14.21
C GLU A 296 6.57 -14.53 -14.73
N VAL A 297 7.05 -13.29 -14.88
CA VAL A 297 6.18 -12.24 -15.38
C VAL A 297 5.71 -12.52 -16.79
N ALA A 298 6.62 -12.98 -17.64
CA ALA A 298 6.25 -13.29 -19.02
C ALA A 298 5.11 -14.28 -19.06
N LEU A 299 5.19 -15.31 -18.23
CA LEU A 299 4.16 -16.33 -18.19
C LEU A 299 2.84 -15.73 -17.72
N GLN A 300 2.92 -14.73 -16.86
CA GLN A 300 1.72 -14.10 -16.36
C GLN A 300 0.99 -13.47 -17.52
N ARG A 301 1.73 -12.82 -18.40
CA ARG A 301 1.16 -12.17 -19.57
C ARG A 301 0.58 -13.21 -20.52
N ARG A 302 1.32 -14.29 -20.75
CA ARG A 302 0.84 -15.33 -21.64
C ARG A 302 -0.44 -15.91 -21.09
N LEU A 303 -0.52 -16.03 -19.78
CA LEU A 303 -1.72 -16.57 -19.15
C LEU A 303 -2.84 -15.52 -19.13
N GLY A 304 -4.07 -15.95 -18.92
CA GLY A 304 -5.17 -15.02 -18.96
C GLY A 304 -5.29 -13.99 -17.84
N SER A 305 -6.17 -12.98 -17.95
CA SER A 305 -6.39 -11.97 -16.95
C SER A 305 -7.86 -11.75 -17.12
N THR A 306 -8.68 -12.73 -16.72
CA THR A 306 -10.14 -12.68 -16.88
C THR A 306 -10.96 -11.55 -16.17
N SER A 307 -12.25 -11.48 -16.42
CA SER A 307 -13.06 -10.45 -15.80
C SER A 307 -12.99 -10.55 -14.27
N ARG A 308 -12.50 -9.52 -13.59
CA ARG A 308 -12.41 -9.52 -12.10
C ARG A 308 -11.60 -10.67 -11.46
N ALA A 309 -10.58 -11.20 -12.17
CA ALA A 309 -9.69 -12.25 -11.64
C ALA A 309 -8.42 -12.47 -12.50
N PRO A 310 -7.34 -12.96 -11.89
CA PRO A 310 -6.16 -13.28 -12.71
C PRO A 310 -6.11 -14.78 -12.93
N ARG A 311 -5.62 -15.23 -14.09
CA ARG A 311 -5.55 -16.66 -14.36
C ARG A 311 -4.24 -17.29 -13.90
N TRP A 312 -3.27 -16.48 -13.51
CA TRP A 312 -1.97 -17.00 -13.11
C TRP A 312 -1.78 -17.13 -11.60
N ALA A 313 -2.85 -16.98 -10.84
CA ALA A 313 -2.74 -17.11 -9.40
C ALA A 313 -4.00 -17.75 -8.82
N ILE A 314 -3.85 -18.53 -7.76
CA ILE A 314 -4.98 -19.17 -7.13
C ILE A 314 -4.80 -18.99 -5.64
N ALA A 315 -5.87 -18.72 -4.91
CA ALA A 315 -5.73 -18.52 -3.48
C ALA A 315 -6.27 -19.74 -2.74
N TYR A 316 -5.40 -20.52 -2.09
CA TYR A 316 -5.88 -21.65 -1.34
C TYR A 316 -6.36 -21.11 -0.01
N LYS A 317 -7.65 -21.25 0.31
CA LYS A 317 -8.16 -20.77 1.59
C LYS A 317 -8.37 -21.93 2.58
N TYR A 318 -7.91 -21.80 3.82
CA TYR A 318 -8.09 -22.87 4.77
C TYR A 318 -9.47 -22.84 5.42
N PRO A 319 -9.94 -24.00 5.90
CA PRO A 319 -11.26 -23.98 6.53
C PRO A 319 -11.21 -23.23 7.86
N PRO A 320 -12.23 -22.43 8.19
CA PRO A 320 -12.17 -21.70 9.46
C PRO A 320 -12.06 -22.60 10.70
N GLU A 321 -12.84 -23.67 10.77
CA GLU A 321 -12.81 -24.57 11.91
C GLU A 321 -12.67 -26.02 11.47
P AMP B . -10.84 -11.42 -2.48
O1P AMP B . -11.71 -11.88 -1.36
O2P AMP B . -10.75 -9.90 -2.46
O3P AMP B . -11.44 -11.85 -3.82
O5' AMP B . -9.31 -12.08 -2.34
C5' AMP B . -8.23 -11.44 -3.04
C4' AMP B . -7.67 -10.34 -2.13
O4' AMP B . -6.72 -10.84 -1.35
C3' AMP B . -6.93 -9.18 -3.00
O3' AMP B . -7.88 -8.33 -3.61
C2' AMP B . -6.17 -8.56 -2.13
O2' AMP B . -6.87 -7.65 -1.28
C1' AMP B . -5.64 -9.75 -1.24
N9 AMP B . -4.36 -10.36 -1.68
C8 AMP B . -3.94 -10.48 -2.91
N7 AMP B . -2.75 -11.07 -2.93
C5 AMP B . -2.40 -11.34 -1.64
C6 AMP B . -1.27 -11.94 -1.02
N6 AMP B . -0.15 -12.44 -1.83
N1 AMP B . -1.25 -12.04 0.29
C2 AMP B . -2.26 -11.59 1.03
N3 AMP B . -3.32 -11.04 0.48
C4 AMP B . -3.41 -10.88 -0.86
H5'1 AMP B . -7.53 -12.09 -3.23
H5'2 AMP B . -8.56 -11.04 -3.86
H4' AMP B . -8.37 -9.95 -1.59
H3' AMP B . -6.38 -9.59 -3.68
HO3' AMP B . -8.47 -8.11 -3.05
H2' AMP B . -5.43 -8.12 -2.59
HO2' AMP B . -7.47 -7.25 -1.74
H1' AMP B . -5.57 -9.45 -0.33
H8 AMP B . -4.40 -10.20 -3.68
HN61 AMP B . 0.64 -12.12 -1.71
HN62 AMP B . -0.29 -13.05 -2.42
H2 AMP B . -2.23 -11.68 1.96
S SO4 C . -10.90 -5.28 0.31
O1 SO4 C . -9.61 -5.63 0.91
O2 SO4 C . -11.07 -6.22 -0.80
O3 SO4 C . -10.87 -3.87 -0.10
O4 SO4 C . -12.02 -5.37 1.27
S SO4 D . 8.07 8.52 6.29
O1 SO4 D . 9.02 7.42 6.63
O2 SO4 D . 6.73 7.91 5.99
O3 SO4 D . 7.93 9.52 7.37
O4 SO4 D . 8.64 9.19 5.08
#